data_7LTA
#
_entry.id   7LTA
#
_cell.length_a   42.788
_cell.length_b   58.090
_cell.length_c   112.467
_cell.angle_alpha   90.000
_cell.angle_beta   90.000
_cell.angle_gamma   90.000
#
_symmetry.space_group_name_H-M   'P 21 21 21'
#
loop_
_entity.id
_entity.type
_entity.pdbx_description
1 polymer Galectin-1
2 branched alpha-D-glucopyranose-(1-1)-alpha-D-glucopyranose
3 non-polymer 'DIMETHYL SULFOXIDE'
4 water water
#
_entity_poly.entity_id   1
_entity_poly.type   'polypeptide(L)'
_entity_poly.pdbx_seq_one_letter_code
;CGLVASNLNLKPGE(CME)LRVRGEVAPDAKSFVLNLGKDSNNLCLHFNPRFNAHGDANTIVCNSKDGGAWGTEQREAVF
PFQPGSVAEV(CME)ITFDQANLTVKLPDGYEFKFPNRLNLEAINYMAADGDFKIK(CME)VAFD
;
_entity_poly.pdbx_strand_id   A,B
#
# COMPACT_ATOMS: atom_id res chain seq x y z
N CYS A 1 11.20 -9.69 2.61
CA CYS A 1 9.99 -9.32 3.33
C CYS A 1 8.88 -8.88 2.37
N GLY A 2 7.66 -8.80 2.88
CA GLY A 2 6.52 -8.36 2.10
C GLY A 2 6.34 -6.84 2.12
N LEU A 3 5.17 -6.43 1.64
CA LEU A 3 4.78 -5.03 1.58
C LEU A 3 4.90 -4.33 2.92
N VAL A 4 5.43 -3.12 2.92
CA VAL A 4 5.46 -2.25 4.07
C VAL A 4 4.83 -0.94 3.65
N ALA A 5 3.82 -0.49 4.39
CA ALA A 5 3.19 0.79 4.15
C ALA A 5 3.21 1.66 5.40
N SER A 6 3.47 2.95 5.22
CA SER A 6 3.43 3.90 6.32
C SER A 6 2.60 5.11 5.90
N ASN A 7 2.31 5.97 6.88
CA ASN A 7 1.38 7.09 6.74
C ASN A 7 -0.02 6.68 6.30
N LEU A 8 -0.50 5.53 6.77
CA LEU A 8 -1.84 5.08 6.39
C LEU A 8 -2.92 6.01 6.94
N ASN A 9 -2.70 6.55 8.12
CA ASN A 9 -3.66 7.44 8.79
C ASN A 9 -5.06 6.82 8.88
N LEU A 10 -5.12 5.55 9.28
CA LEU A 10 -6.38 4.86 9.47
C LEU A 10 -6.95 5.27 10.82
N LYS A 11 -8.08 5.97 10.79
CA LYS A 11 -8.71 6.51 11.98
C LYS A 11 -9.71 5.54 12.55
N PRO A 12 -10.11 5.73 13.81
CA PRO A 12 -11.07 4.80 14.41
C PRO A 12 -12.33 4.72 13.57
N GLY A 13 -12.83 3.49 13.41
CA GLY A 13 -14.02 3.24 12.64
C GLY A 13 -13.78 2.96 11.18
N GLU A 14 -12.64 3.40 10.63
CA GLU A 14 -12.33 3.23 9.21
C GLU A 14 -11.83 1.81 8.95
N LEU A 16 -9.63 -1.01 6.93
CA LEU A 16 -8.51 -1.44 6.11
C LEU A 16 -8.81 -2.83 5.56
N ARG A 17 -8.85 -2.96 4.24
CA ARG A 17 -9.11 -4.24 3.59
C ARG A 17 -7.86 -4.70 2.85
N VAL A 18 -7.45 -5.94 3.08
CA VAL A 18 -6.25 -6.50 2.47
C VAL A 18 -6.65 -7.83 1.83
N ARG A 19 -6.47 -7.93 0.51
N ARG A 19 -6.45 -7.94 0.51
CA ARG A 19 -6.71 -9.17 -0.20
CA ARG A 19 -6.74 -9.18 -0.20
C ARG A 19 -5.39 -9.71 -0.75
C ARG A 19 -5.45 -9.71 -0.81
N GLY A 20 -5.22 -11.02 -0.65
CA GLY A 20 -3.99 -11.62 -1.13
C GLY A 20 -4.16 -13.07 -1.50
N GLU A 21 -3.09 -13.62 -2.07
CA GLU A 21 -3.02 -15.01 -2.50
C GLU A 21 -2.22 -15.81 -1.49
N VAL A 22 -2.84 -16.85 -0.92
CA VAL A 22 -2.14 -17.74 -0.01
C VAL A 22 -1.40 -18.78 -0.84
N ALA A 23 -0.10 -18.97 -0.55
CA ALA A 23 0.70 -19.90 -1.34
C ALA A 23 0.12 -21.31 -1.23
N PRO A 24 0.23 -22.11 -2.29
CA PRO A 24 -0.30 -23.48 -2.25
C PRO A 24 0.34 -24.33 -1.18
N ASP A 25 1.62 -24.13 -0.86
CA ASP A 25 2.28 -24.80 0.25
C ASP A 25 2.55 -23.85 1.42
N ALA A 26 1.63 -22.91 1.64
CA ALA A 26 1.80 -21.93 2.69
C ALA A 26 2.03 -22.59 4.05
N LYS A 27 2.96 -22.02 4.81
CA LYS A 27 3.16 -22.38 6.22
C LYS A 27 2.61 -21.37 7.20
N SER A 28 2.71 -20.08 6.89
N SER A 28 2.68 -20.09 6.85
CA SER A 28 2.39 -19.00 7.83
CA SER A 28 2.19 -19.04 7.72
C SER A 28 2.49 -17.67 7.12
C SER A 28 2.31 -17.72 6.98
N PHE A 29 1.62 -16.73 7.47
CA PHE A 29 1.81 -15.36 7.04
C PHE A 29 1.46 -14.44 8.19
N VAL A 30 1.86 -13.19 8.02
CA VAL A 30 1.78 -12.18 9.05
C VAL A 30 1.30 -10.87 8.42
N LEU A 31 0.34 -10.23 9.07
CA LEU A 31 0.07 -8.81 8.89
C LEU A 31 0.37 -8.11 10.22
N ASN A 32 1.23 -7.10 10.19
CA ASN A 32 1.54 -6.30 11.37
C ASN A 32 0.96 -4.91 11.18
N LEU A 33 0.24 -4.42 12.15
CA LEU A 33 -0.39 -3.10 12.11
C LEU A 33 -0.02 -2.34 13.36
N GLY A 34 0.22 -1.04 13.17
CA GLY A 34 0.54 -0.20 14.30
C GLY A 34 1.09 1.15 13.92
N LYS A 35 2.09 1.58 14.69
CA LYS A 35 2.80 2.83 14.50
C LYS A 35 4.10 2.65 13.73
N ASP A 36 4.87 1.61 14.09
CA ASP A 36 6.13 1.25 13.45
C ASP A 36 6.47 -0.17 13.87
N SER A 37 7.64 -0.64 13.44
CA SER A 37 7.99 -2.04 13.66
C SER A 37 8.11 -2.40 15.13
N ASN A 38 8.29 -1.41 16.02
CA ASN A 38 8.39 -1.64 17.46
C ASN A 38 7.09 -1.44 18.22
N ASN A 39 6.03 -0.96 17.57
CA ASN A 39 4.78 -0.56 18.20
C ASN A 39 3.61 -1.05 17.34
N LEU A 40 3.16 -2.27 17.62
CA LEU A 40 2.11 -2.95 16.87
C LEU A 40 0.86 -3.06 17.73
N CYS A 41 -0.24 -2.45 17.29
CA CYS A 41 -1.51 -2.75 17.94
C CYS A 41 -2.06 -4.10 17.52
N LEU A 42 -1.62 -4.64 16.39
CA LEU A 42 -2.01 -6.00 16.04
C LEU A 42 -0.93 -6.68 15.22
N HIS A 43 -0.45 -7.80 15.76
CA HIS A 43 0.34 -8.77 15.03
C HIS A 43 -0.59 -9.95 14.76
N PHE A 44 -0.86 -10.22 13.49
CA PHE A 44 -1.92 -11.14 13.04
C PHE A 44 -1.23 -12.23 12.24
N ASN A 45 -1.15 -13.44 12.80
CA ASN A 45 -0.26 -14.50 12.30
C ASN A 45 -1.03 -15.81 12.13
N PRO A 46 -1.72 -15.98 11.00
CA PRO A 46 -2.31 -17.29 10.68
C PRO A 46 -1.21 -18.31 10.44
N ARG A 47 -1.23 -19.41 11.25
CA ARG A 47 -0.27 -20.49 11.09
C ARG A 47 -0.99 -21.70 10.49
N PHE A 48 -0.64 -22.04 9.25
CA PHE A 48 -1.09 -23.30 8.65
C PHE A 48 -0.32 -24.47 9.23
N ASN A 49 1.00 -24.33 9.29
CA ASN A 49 1.88 -25.34 9.88
C ASN A 49 3.20 -24.63 10.20
N ALA A 50 3.29 -24.05 11.40
CA ALA A 50 4.46 -23.32 11.80
C ALA A 50 4.56 -23.28 13.31
N HIS A 51 5.79 -23.40 13.83
CA HIS A 51 6.05 -23.31 15.26
C HIS A 51 5.32 -24.41 16.02
N GLY A 52 5.14 -25.55 15.38
CA GLY A 52 4.42 -26.65 15.98
C GLY A 52 2.92 -26.52 15.95
N ASP A 53 2.40 -25.42 15.42
CA ASP A 53 0.96 -25.16 15.38
C ASP A 53 0.40 -25.48 14.02
N ALA A 54 -0.85 -25.92 14.04
CA ALA A 54 -1.58 -26.27 12.83
C ALA A 54 -2.88 -25.47 12.81
N ASN A 55 -3.14 -24.83 11.66
CA ASN A 55 -4.39 -24.12 11.40
C ASN A 55 -4.85 -23.31 12.60
N THR A 56 -3.96 -22.44 13.09
CA THR A 56 -4.26 -21.58 14.22
C THR A 56 -3.90 -20.14 13.91
N ILE A 57 -4.78 -19.21 14.28
CA ILE A 57 -4.45 -17.78 14.20
C ILE A 57 -3.84 -17.38 15.54
N VAL A 58 -2.64 -16.83 15.50
CA VAL A 58 -1.92 -16.33 16.67
C VAL A 58 -1.90 -14.82 16.57
N CYS A 59 -2.38 -14.13 17.60
CA CYS A 59 -2.35 -12.69 17.64
C CYS A 59 -1.58 -12.19 18.84
N ASN A 60 -0.98 -10.99 18.69
CA ASN A 60 -0.31 -10.34 19.82
C ASN A 60 -0.18 -8.85 19.51
N SER A 61 0.30 -8.11 20.51
CA SER A 61 0.68 -6.70 20.38
C SER A 61 2.16 -6.58 20.66
N LYS A 62 2.70 -5.40 20.36
CA LYS A 62 4.08 -5.12 20.68
C LYS A 62 4.14 -3.65 21.05
N ASP A 63 4.69 -3.35 22.23
CA ASP A 63 4.66 -2.00 22.77
C ASP A 63 6.09 -1.62 23.12
N GLY A 64 6.62 -0.62 22.41
CA GLY A 64 7.97 -0.22 22.72
C GLY A 64 8.95 -1.37 22.61
N GLY A 65 8.73 -2.27 21.68
CA GLY A 65 9.60 -3.41 21.51
C GLY A 65 9.19 -4.67 22.29
N ALA A 66 8.29 -4.55 23.25
CA ALA A 66 7.90 -5.67 24.12
C ALA A 66 6.66 -6.37 23.56
N TRP A 67 6.81 -7.66 23.24
CA TRP A 67 5.66 -8.49 22.90
C TRP A 67 4.69 -8.53 24.08
N GLY A 68 3.40 -8.39 23.78
CA GLY A 68 2.37 -8.56 24.79
C GLY A 68 2.02 -10.02 25.06
N THR A 69 0.83 -10.19 25.65
CA THR A 69 0.28 -11.50 25.93
C THR A 69 -0.43 -12.05 24.71
N GLU A 70 0.12 -13.13 24.19
CA GLU A 70 -0.39 -13.80 23.01
C GLU A 70 -1.81 -14.31 23.24
N GLN A 71 -2.65 -14.18 22.20
CA GLN A 71 -3.99 -14.75 22.17
C GLN A 71 -4.13 -15.63 20.93
N ARG A 72 -4.84 -16.73 21.04
CA ARG A 72 -5.16 -17.58 19.89
C ARG A 72 -6.66 -17.60 19.65
N GLU A 73 -7.03 -17.65 18.37
CA GLU A 73 -8.43 -17.70 17.96
C GLU A 73 -8.86 -19.15 17.68
N ALA A 74 -10.17 -19.33 17.57
CA ALA A 74 -10.75 -20.67 17.50
C ALA A 74 -11.02 -21.12 16.08
N VAL A 75 -11.17 -20.18 15.16
CA VAL A 75 -11.55 -20.45 13.79
C VAL A 75 -10.34 -20.26 12.89
N PHE A 76 -10.33 -20.94 11.77
CA PHE A 76 -9.24 -20.82 10.81
C PHE A 76 -9.78 -20.92 9.39
N PRO A 77 -10.39 -19.85 8.90
CA PRO A 77 -11.00 -19.85 7.56
C PRO A 77 -10.03 -19.45 6.46
N PHE A 78 -8.89 -20.13 6.40
CA PHE A 78 -7.88 -19.93 5.38
C PHE A 78 -7.52 -21.27 4.77
N GLN A 79 -7.33 -21.28 3.45
CA GLN A 79 -6.89 -22.46 2.73
C GLN A 79 -5.63 -22.16 1.93
N PRO A 80 -4.62 -23.01 1.98
CA PRO A 80 -3.50 -22.85 1.05
C PRO A 80 -4.02 -22.86 -0.38
N GLY A 81 -3.35 -22.06 -1.23
CA GLY A 81 -3.69 -21.98 -2.64
C GLY A 81 -5.04 -21.35 -2.92
N SER A 82 -5.38 -20.27 -2.23
CA SER A 82 -6.64 -19.58 -2.40
C SER A 82 -6.41 -18.07 -2.27
N VAL A 83 -7.46 -17.31 -2.55
CA VAL A 83 -7.48 -15.87 -2.33
C VAL A 83 -8.19 -15.63 -1.01
N ALA A 84 -7.61 -14.78 -0.18
CA ALA A 84 -8.20 -14.45 1.12
C ALA A 84 -8.19 -12.94 1.34
N GLU A 85 -9.28 -12.42 1.88
N GLU A 85 -9.29 -12.43 1.87
CA GLU A 85 -9.40 -11.04 2.26
CA GLU A 85 -9.41 -11.03 2.26
C GLU A 85 -9.55 -10.91 3.78
C GLU A 85 -9.61 -10.92 3.78
N VAL A 86 -8.85 -9.93 4.35
N VAL A 86 -8.89 -9.97 4.40
CA VAL A 86 -9.06 -9.55 5.75
CA VAL A 86 -9.14 -9.63 5.80
C VAL A 86 -9.57 -8.13 5.77
C VAL A 86 -9.38 -8.13 5.94
N ILE A 88 -10.01 -4.90 8.66
CA ILE A 88 -9.67 -4.52 10.02
C ILE A 88 -10.18 -3.12 10.33
N THR A 89 -10.81 -2.98 11.50
N THR A 89 -10.87 -2.99 11.48
CA THR A 89 -11.20 -1.67 12.04
CA THR A 89 -11.22 -1.69 12.07
C THR A 89 -10.94 -1.68 13.54
C THR A 89 -10.74 -1.66 13.52
N PHE A 90 -10.86 -0.49 14.13
CA PHE A 90 -10.58 -0.39 15.56
C PHE A 90 -11.36 0.75 16.18
N ASP A 91 -11.58 0.62 17.48
CA ASP A 91 -12.00 1.73 18.34
C ASP A 91 -11.07 1.73 19.55
N GLN A 92 -11.35 2.53 20.57
CA GLN A 92 -10.47 2.57 21.73
C GLN A 92 -10.47 1.25 22.51
N ALA A 93 -11.54 0.46 22.41
CA ALA A 93 -11.58 -0.79 23.16
C ALA A 93 -10.86 -1.91 22.43
N ASN A 94 -11.15 -2.09 21.13
CA ASN A 94 -10.70 -3.28 20.42
C ASN A 94 -10.42 -2.99 18.96
N LEU A 95 -9.59 -3.86 18.40
CA LEU A 95 -9.59 -4.11 16.96
C LEU A 95 -10.58 -5.22 16.65
N THR A 96 -11.31 -5.05 15.53
CA THR A 96 -12.19 -6.07 15.00
C THR A 96 -11.61 -6.54 13.68
N VAL A 97 -11.32 -7.83 13.62
CA VAL A 97 -10.76 -8.47 12.45
C VAL A 97 -11.85 -9.33 11.81
N LYS A 98 -12.17 -9.06 10.56
CA LYS A 98 -13.15 -9.84 9.83
C LYS A 98 -12.43 -10.71 8.81
N LEU A 99 -12.71 -11.98 8.88
CA LEU A 99 -12.00 -13.00 8.15
C LEU A 99 -12.84 -13.48 6.98
N PRO A 100 -12.28 -14.35 6.15
CA PRO A 100 -13.10 -15.05 5.16
C PRO A 100 -14.19 -15.89 5.82
N ASP A 101 -15.22 -16.20 5.03
CA ASP A 101 -16.30 -17.08 5.47
C ASP A 101 -17.06 -16.49 6.64
N GLY A 102 -17.10 -15.16 6.72
CA GLY A 102 -17.91 -14.45 7.69
C GLY A 102 -17.47 -14.51 9.13
N TYR A 103 -16.32 -15.11 9.45
CA TYR A 103 -15.89 -15.14 10.85
C TYR A 103 -15.25 -13.81 11.23
N GLU A 104 -15.46 -13.39 12.47
CA GLU A 104 -14.79 -12.20 12.98
C GLU A 104 -14.40 -12.41 14.45
N PHE A 105 -13.39 -11.66 14.87
CA PHE A 105 -13.00 -11.70 16.27
C PHE A 105 -12.48 -10.33 16.65
N LYS A 106 -12.41 -10.12 17.96
CA LYS A 106 -11.90 -8.88 18.51
C LYS A 106 -10.60 -9.17 19.25
N PHE A 107 -9.71 -8.19 19.20
CA PHE A 107 -8.42 -8.25 19.85
C PHE A 107 -8.30 -6.95 20.63
N PRO A 108 -7.91 -6.98 21.90
CA PRO A 108 -7.92 -5.74 22.68
C PRO A 108 -6.93 -4.75 22.11
N ASN A 109 -7.35 -3.48 22.07
CA ASN A 109 -6.51 -2.33 21.73
C ASN A 109 -5.66 -1.97 22.94
N ARG A 110 -4.40 -2.38 22.93
CA ARG A 110 -3.51 -2.26 24.08
C ARG A 110 -2.62 -1.04 24.02
N LEU A 111 -2.53 -0.39 22.88
CA LEU A 111 -1.74 0.81 22.68
C LEU A 111 -2.67 2.02 22.62
N ASN A 112 -2.08 3.21 22.71
CA ASN A 112 -2.96 4.38 22.70
C ASN A 112 -2.76 5.16 21.41
N LEU A 113 -2.92 4.48 20.27
CA LEU A 113 -2.65 5.09 18.98
C LEU A 113 -3.87 5.86 18.50
N GLU A 114 -3.64 7.11 18.08
CA GLU A 114 -4.72 7.91 17.51
C GLU A 114 -5.17 7.34 16.17
N ALA A 115 -4.24 6.70 15.47
CA ALA A 115 -4.51 6.17 14.15
C ALA A 115 -3.54 5.02 13.93
N ILE A 116 -3.90 4.14 13.01
CA ILE A 116 -2.97 3.11 12.53
C ILE A 116 -2.26 3.68 11.32
N ASN A 117 -0.94 3.83 11.42
CA ASN A 117 -0.16 4.43 10.34
C ASN A 117 0.77 3.48 9.64
N TYR A 118 0.95 2.25 10.15
CA TYR A 118 1.96 1.33 9.66
C TYR A 118 1.34 -0.03 9.47
N MET A 119 1.62 -0.63 8.31
CA MET A 119 1.34 -2.01 8.05
C MET A 119 2.56 -2.68 7.45
N ALA A 120 2.81 -3.92 7.85
CA ALA A 120 3.84 -4.73 7.24
C ALA A 120 3.36 -6.16 7.07
N ALA A 121 3.62 -6.73 5.91
CA ALA A 121 3.20 -8.09 5.61
C ALA A 121 4.42 -8.97 5.42
N ASP A 122 4.28 -10.25 5.78
CA ASP A 122 5.39 -11.16 5.67
C ASP A 122 4.81 -12.55 5.49
N GLY A 123 5.64 -13.44 4.95
CA GLY A 123 5.29 -14.83 4.83
C GLY A 123 4.57 -15.17 3.55
N ASP A 124 3.78 -16.24 3.61
CA ASP A 124 3.32 -16.95 2.42
C ASP A 124 1.99 -16.39 1.91
N PHE A 125 1.99 -15.08 1.62
CA PHE A 125 0.75 -14.35 1.30
C PHE A 125 1.17 -13.21 0.37
N LYS A 126 0.70 -13.24 -0.90
CA LYS A 126 1.03 -12.21 -1.89
C LYS A 126 -0.13 -11.22 -1.96
N ILE A 127 0.11 -9.98 -1.51
CA ILE A 127 -0.95 -8.98 -1.48
C ILE A 127 -1.31 -8.56 -2.90
N LYS A 128 -2.62 -8.55 -3.18
CA LYS A 128 -3.15 -8.15 -4.49
C LYS A 128 -3.88 -6.81 -4.44
N VAL A 130 -5.05 -3.48 -1.56
CA VAL A 130 -5.21 -2.82 -0.26
C VAL A 130 -6.16 -1.65 -0.44
N ALA A 131 -7.19 -1.56 0.39
CA ALA A 131 -8.18 -0.50 0.28
C ALA A 131 -8.38 0.14 1.64
N PHE A 132 -8.59 1.46 1.63
CA PHE A 132 -8.76 2.30 2.81
C PHE A 132 -10.12 2.98 2.71
N ASP A 133 -11.20 2.25 3.01
CA ASP A 133 -12.55 2.80 2.98
C ASP A 133 -13.58 1.72 3.28
N CYS B 1 1.74 14.47 4.53
CA CYS B 1 2.46 13.54 3.67
C CYS B 1 1.66 12.25 3.49
N GLY B 2 1.65 11.74 2.27
CA GLY B 2 0.77 10.66 1.91
C GLY B 2 1.40 9.31 2.12
N LEU B 3 0.68 8.31 1.65
CA LEU B 3 1.07 6.92 1.74
C LEU B 3 2.45 6.69 1.17
N VAL B 4 3.26 5.94 1.92
CA VAL B 4 4.56 5.46 1.47
C VAL B 4 4.56 3.95 1.53
N ALA B 5 5.01 3.31 0.48
CA ALA B 5 5.01 1.85 0.46
C ALA B 5 6.30 1.36 -0.15
N SER B 6 6.82 0.26 0.40
N SER B 6 6.81 0.26 0.39
CA SER B 6 8.06 -0.33 -0.03
CA SER B 6 8.06 -0.33 -0.06
C SER B 6 7.85 -1.83 -0.27
C SER B 6 7.92 -1.85 -0.11
N ASN B 7 8.91 -2.49 -0.72
CA ASN B 7 8.86 -3.92 -1.05
C ASN B 7 7.68 -4.29 -1.96
N LEU B 8 7.32 -3.39 -2.89
CA LEU B 8 6.20 -3.64 -3.80
C LEU B 8 6.48 -4.82 -4.72
N ASN B 9 7.74 -5.00 -5.11
CA ASN B 9 8.18 -6.08 -6.00
C ASN B 9 7.37 -6.12 -7.30
N LEU B 10 7.08 -4.95 -7.85
CA LEU B 10 6.37 -4.89 -9.13
C LEU B 10 7.32 -5.24 -10.27
N LYS B 11 6.89 -6.21 -11.14
CA LYS B 11 7.73 -6.69 -12.22
C LYS B 11 7.31 -6.09 -13.56
N PRO B 12 8.16 -6.17 -14.58
CA PRO B 12 7.78 -5.64 -15.89
C PRO B 12 6.47 -6.22 -16.39
N GLY B 13 5.64 -5.34 -16.96
CA GLY B 13 4.33 -5.70 -17.47
C GLY B 13 3.23 -5.78 -16.43
N GLU B 14 3.56 -5.82 -15.15
CA GLU B 14 2.54 -5.91 -14.09
C GLU B 14 1.95 -4.53 -13.85
N LEU B 16 0.28 -1.62 -11.71
CA LEU B 16 0.04 -0.98 -10.42
C LEU B 16 -1.11 -0.01 -10.62
N ARG B 17 -2.23 -0.22 -9.93
CA ARG B 17 -3.40 0.63 -10.05
C ARG B 17 -3.59 1.42 -8.77
N VAL B 18 -3.76 2.72 -8.90
CA VAL B 18 -3.87 3.62 -7.75
C VAL B 18 -5.13 4.45 -7.95
N ARG B 19 -6.09 4.32 -7.03
CA ARG B 19 -7.30 5.11 -7.05
C ARG B 19 -7.34 6.02 -5.82
N GLY B 20 -7.76 7.26 -6.03
CA GLY B 20 -7.72 8.25 -4.97
C GLY B 20 -8.74 9.36 -5.17
N GLU B 21 -8.78 10.25 -4.18
CA GLU B 21 -9.66 11.41 -4.19
C GLU B 21 -8.80 12.64 -4.42
N VAL B 22 -9.04 13.36 -5.50
CA VAL B 22 -8.41 14.64 -5.74
C VAL B 22 -9.14 15.67 -4.87
N ALA B 23 -8.38 16.33 -4.00
CA ALA B 23 -8.96 17.31 -3.08
C ALA B 23 -9.72 18.40 -3.83
N PRO B 24 -10.76 18.95 -3.22
CA PRO B 24 -11.56 19.97 -3.90
C PRO B 24 -10.79 21.25 -4.17
N ASP B 25 -9.79 21.55 -3.36
N ASP B 25 -9.79 21.55 -3.36
CA ASP B 25 -8.94 22.73 -3.53
CA ASP B 25 -8.94 22.73 -3.53
C ASP B 25 -7.62 22.39 -4.23
C ASP B 25 -7.62 22.37 -4.20
N ALA B 26 -7.60 21.31 -4.99
CA ALA B 26 -6.33 20.72 -5.41
C ALA B 26 -5.50 21.70 -6.22
N LYS B 27 -4.26 21.90 -5.79
CA LYS B 27 -3.27 22.64 -6.55
C LYS B 27 -2.29 21.74 -7.27
N SER B 28 -2.04 20.55 -6.72
CA SER B 28 -0.95 19.69 -7.18
C SER B 28 -1.01 18.37 -6.42
N PHE B 29 -0.59 17.27 -7.04
CA PHE B 29 -0.30 16.06 -6.28
C PHE B 29 0.82 15.30 -6.98
N VAL B 30 1.38 14.34 -6.26
CA VAL B 30 2.56 13.60 -6.70
C VAL B 30 2.37 12.12 -6.42
N LEU B 31 2.72 11.30 -7.39
CA LEU B 31 3.04 9.90 -7.16
C LEU B 31 4.48 9.67 -7.55
N ASN B 32 5.29 9.20 -6.59
CA ASN B 32 6.67 8.84 -6.82
C ASN B 32 6.82 7.32 -6.85
N LEU B 33 7.50 6.82 -7.87
N LEU B 33 7.46 6.82 -7.89
CA LEU B 33 7.74 5.40 -8.05
CA LEU B 33 7.75 5.39 -8.01
C LEU B 33 9.21 5.11 -8.35
C LEU B 33 9.23 5.19 -8.26
N GLY B 34 9.74 4.07 -7.73
CA GLY B 34 11.10 3.67 -8.05
C GLY B 34 11.64 2.56 -7.20
N LYS B 35 12.95 2.62 -6.99
CA LYS B 35 13.65 1.66 -6.14
C LYS B 35 13.55 2.04 -4.66
N ASP B 36 13.66 3.32 -4.38
CA ASP B 36 13.56 3.93 -3.04
C ASP B 36 13.42 5.42 -3.25
N SER B 37 13.37 6.17 -2.13
CA SER B 37 13.08 7.59 -2.24
C SER B 37 14.17 8.37 -2.97
N ASN B 38 15.37 7.80 -3.12
CA ASN B 38 16.44 8.52 -3.79
C ASN B 38 16.60 8.12 -5.26
N ASN B 39 15.80 7.14 -5.73
CA ASN B 39 16.00 6.52 -7.03
C ASN B 39 14.60 6.28 -7.60
N LEU B 40 14.08 7.27 -8.31
CA LEU B 40 12.72 7.28 -8.80
C LEU B 40 12.76 7.12 -10.30
N CYS B 41 12.13 6.07 -10.82
CA CYS B 41 11.92 5.99 -12.25
C CYS B 41 10.76 6.86 -12.70
N LEU B 42 9.87 7.27 -11.80
CA LEU B 42 8.78 8.17 -12.17
C LEU B 42 8.39 9.06 -10.99
N HIS B 43 8.65 10.32 -11.14
CA HIS B 43 8.02 11.39 -10.36
C HIS B 43 6.89 11.96 -11.20
N PHE B 44 5.65 11.66 -10.82
CA PHE B 44 4.44 11.98 -11.58
C PHE B 44 3.69 13.10 -10.86
N ASN B 45 3.68 14.30 -11.44
CA ASN B 45 3.22 15.50 -10.73
C ASN B 45 2.19 16.26 -11.56
N PRO B 46 0.91 15.90 -11.47
CA PRO B 46 -0.13 16.76 -12.05
C PRO B 46 -0.26 18.06 -11.27
N ARG B 47 -0.15 19.16 -12.00
CA ARG B 47 -0.23 20.51 -11.44
C ARG B 47 -1.50 21.18 -11.95
N PHE B 48 -2.47 21.37 -11.06
CA PHE B 48 -3.65 22.13 -11.41
C PHE B 48 -3.30 23.61 -11.50
N ASN B 49 -2.63 24.10 -10.47
CA ASN B 49 -2.15 25.50 -10.41
C ASN B 49 -1.02 25.52 -9.38
N ALA B 50 0.20 25.38 -9.87
CA ALA B 50 1.34 25.22 -8.98
C ALA B 50 2.61 25.53 -9.76
N HIS B 51 3.53 26.26 -9.11
CA HIS B 51 4.85 26.56 -9.65
C HIS B 51 4.78 27.10 -11.07
N GLY B 52 3.73 27.85 -11.38
CA GLY B 52 3.59 28.50 -12.65
C GLY B 52 2.94 27.67 -13.74
N ASP B 53 2.70 26.39 -13.49
CA ASP B 53 1.95 25.55 -14.39
C ASP B 53 0.47 25.56 -14.05
N ALA B 54 -0.34 25.53 -15.08
CA ALA B 54 -1.77 25.35 -14.99
C ALA B 54 -2.13 24.11 -15.81
N ASN B 55 -2.85 23.18 -15.19
CA ASN B 55 -3.37 21.98 -15.85
C ASN B 55 -2.32 21.27 -16.71
N THR B 56 -1.17 21.00 -16.11
CA THR B 56 -0.06 20.33 -16.76
C THR B 56 0.49 19.21 -15.87
N ILE B 57 0.76 18.06 -16.49
CA ILE B 57 1.49 16.96 -15.82
C ILE B 57 2.98 17.13 -16.06
N VAL B 58 3.74 17.25 -14.98
CA VAL B 58 5.19 17.26 -14.99
C VAL B 58 5.73 15.91 -14.53
N CYS B 59 6.61 15.33 -15.32
CA CYS B 59 7.25 14.07 -14.96
C CYS B 59 8.75 14.28 -14.86
N ASN B 60 9.38 13.52 -13.97
CA ASN B 60 10.83 13.50 -13.86
C ASN B 60 11.28 12.15 -13.30
N SER B 61 12.61 11.96 -13.30
CA SER B 61 13.31 10.87 -12.66
C SER B 61 14.21 11.45 -11.56
N LYS B 62 14.72 10.57 -10.71
CA LYS B 62 15.71 10.93 -9.70
C LYS B 62 16.67 9.75 -9.59
N ASP B 63 17.97 10.04 -9.71
CA ASP B 63 19.00 9.01 -9.79
C ASP B 63 20.06 9.33 -8.74
N GLY B 64 20.20 8.46 -7.74
CA GLY B 64 21.16 8.73 -6.67
C GLY B 64 20.98 10.08 -6.02
N GLY B 65 19.72 10.51 -5.88
CA GLY B 65 19.39 11.79 -5.26
C GLY B 65 19.32 12.96 -6.21
N ALA B 66 19.78 12.79 -7.45
CA ALA B 66 19.86 13.87 -8.43
C ALA B 66 18.66 13.84 -9.38
N TRP B 67 17.90 14.93 -9.39
CA TRP B 67 16.76 15.04 -10.31
C TRP B 67 17.23 15.06 -11.76
N GLY B 68 16.45 14.43 -12.63
CA GLY B 68 16.69 14.51 -14.05
C GLY B 68 16.04 15.74 -14.65
N THR B 69 15.81 15.67 -15.96
CA THR B 69 15.19 16.78 -16.68
C THR B 69 13.68 16.58 -16.75
N GLU B 70 12.94 17.61 -16.36
CA GLU B 70 11.48 17.53 -16.37
C GLU B 70 10.96 17.39 -17.79
N GLN B 71 9.87 16.63 -17.90
CA GLN B 71 9.15 16.34 -19.13
C GLN B 71 7.70 16.74 -18.87
N ARG B 72 7.14 17.57 -19.74
CA ARG B 72 5.77 18.05 -19.57
C ARG B 72 4.87 17.34 -20.58
N GLU B 73 3.74 16.84 -20.12
CA GLU B 73 2.84 16.04 -20.95
C GLU B 73 1.80 16.94 -21.64
N ALA B 74 1.11 16.36 -22.61
CA ALA B 74 0.18 17.10 -23.45
C ALA B 74 -1.27 17.00 -23.00
N VAL B 75 -1.59 16.17 -22.00
CA VAL B 75 -2.96 15.93 -21.59
C VAL B 75 -3.09 16.11 -20.08
N PHE B 76 -4.34 16.33 -19.65
CA PHE B 76 -4.62 16.61 -18.24
C PHE B 76 -6.05 16.22 -17.89
N PRO B 77 -6.35 14.97 -17.81
CA PRO B 77 -7.72 14.54 -17.51
C PRO B 77 -7.96 14.39 -16.00
N PHE B 78 -7.67 15.45 -15.26
CA PHE B 78 -7.96 15.50 -13.83
C PHE B 78 -8.82 16.72 -13.53
N GLN B 79 -9.71 16.57 -12.55
CA GLN B 79 -10.51 17.67 -12.03
C GLN B 79 -10.42 17.70 -10.51
N PRO B 80 -10.38 18.87 -9.89
CA PRO B 80 -10.39 18.91 -8.42
C PRO B 80 -11.68 18.34 -7.85
N GLY B 81 -11.58 17.86 -6.60
CA GLY B 81 -12.72 17.29 -5.91
C GLY B 81 -13.37 16.18 -6.69
N SER B 82 -12.57 15.23 -7.18
CA SER B 82 -13.08 14.07 -7.90
C SER B 82 -12.22 12.86 -7.56
N VAL B 83 -12.75 11.71 -7.91
CA VAL B 83 -12.02 10.45 -7.83
C VAL B 83 -11.25 10.23 -9.13
N ALA B 84 -9.99 9.85 -9.00
CA ALA B 84 -9.20 9.52 -10.18
C ALA B 84 -8.40 8.25 -9.94
N GLU B 85 -8.30 7.45 -10.99
CA GLU B 85 -7.45 6.26 -10.99
C GLU B 85 -6.33 6.42 -12.00
N VAL B 86 -5.14 6.00 -11.60
CA VAL B 86 -3.99 5.92 -12.50
C VAL B 86 -3.50 4.47 -12.55
N ILE B 88 -0.15 2.16 -13.80
CA ILE B 88 1.24 2.22 -14.24
C ILE B 88 1.84 0.85 -14.48
N THR B 89 2.49 0.71 -15.65
CA THR B 89 3.30 -0.44 -15.99
CA THR B 89 3.31 -0.44 -16.01
C THR B 89 4.65 0.04 -16.52
N PHE B 90 5.60 -0.88 -16.60
CA PHE B 90 6.91 -0.50 -17.13
C PHE B 90 7.54 -1.70 -17.82
N ASP B 91 8.49 -1.41 -18.66
CA ASP B 91 9.43 -2.39 -19.18
C ASP B 91 10.79 -1.68 -19.08
N GLN B 92 11.86 -2.28 -19.57
CA GLN B 92 13.12 -1.60 -19.25
C GLN B 92 13.39 -0.43 -20.19
N ALA B 93 12.55 -0.21 -21.20
CA ALA B 93 12.63 1.02 -21.99
C ALA B 93 11.73 2.15 -21.47
N ASN B 94 10.47 1.86 -21.15
CA ASN B 94 9.51 2.91 -20.81
C ASN B 94 8.64 2.51 -19.64
N LEU B 95 8.16 3.55 -18.96
CA LEU B 95 6.97 3.46 -18.14
C LEU B 95 5.77 3.86 -18.98
N THR B 96 4.67 3.13 -18.83
CA THR B 96 3.41 3.56 -19.41
C THR B 96 2.45 3.96 -18.31
N VAL B 97 1.94 5.18 -18.41
CA VAL B 97 1.01 5.74 -17.45
C VAL B 97 -0.36 5.90 -18.11
N LYS B 98 -1.34 5.13 -17.65
CA LYS B 98 -2.71 5.23 -18.11
C LYS B 98 -3.50 6.10 -17.15
N LEU B 99 -4.28 7.03 -17.72
CA LEU B 99 -4.96 8.10 -16.99
C LEU B 99 -6.48 7.96 -17.16
N PRO B 100 -7.29 8.74 -16.44
CA PRO B 100 -8.73 8.72 -16.70
C PRO B 100 -9.04 9.11 -18.14
N ASP B 101 -10.25 8.75 -18.58
CA ASP B 101 -10.79 9.19 -19.87
C ASP B 101 -10.01 8.64 -21.05
N GLY B 102 -9.28 7.54 -20.85
CA GLY B 102 -8.62 6.84 -21.93
C GLY B 102 -7.29 7.41 -22.38
N TYR B 103 -6.75 8.40 -21.67
CA TYR B 103 -5.46 9.00 -22.01
C TYR B 103 -4.32 8.16 -21.46
N GLU B 104 -3.20 8.19 -22.17
CA GLU B 104 -1.98 7.55 -21.67
C GLU B 104 -0.75 8.25 -22.25
N PHE B 105 0.39 7.99 -21.63
CA PHE B 105 1.66 8.49 -22.17
C PHE B 105 2.75 7.57 -21.68
N LYS B 106 3.88 7.62 -22.36
CA LYS B 106 5.07 6.89 -21.97
C LYS B 106 6.11 7.87 -21.47
N PHE B 107 6.94 7.38 -20.56
CA PHE B 107 8.02 8.19 -20.04
C PHE B 107 9.20 7.23 -20.04
N PRO B 108 10.38 7.64 -20.54
CA PRO B 108 11.50 6.71 -20.60
C PRO B 108 11.88 6.17 -19.22
N ASN B 109 12.32 4.92 -19.21
CA ASN B 109 12.83 4.25 -18.00
C ASN B 109 14.33 4.57 -17.90
N ARG B 110 14.61 5.77 -17.38
CA ARG B 110 15.96 6.33 -17.40
C ARG B 110 16.92 5.60 -16.47
N LEU B 111 16.40 4.96 -15.42
N LEU B 111 16.41 4.96 -15.42
CA LEU B 111 17.21 4.20 -14.50
CA LEU B 111 17.25 4.19 -14.52
C LEU B 111 17.37 2.75 -14.94
C LEU B 111 17.40 2.75 -14.96
N ASN B 112 16.71 2.35 -16.02
CA ASN B 112 16.73 0.96 -16.48
C ASN B 112 16.30 -0.01 -15.39
N LEU B 113 15.32 0.38 -14.57
CA LEU B 113 14.89 -0.49 -13.47
C LEU B 113 14.21 -1.74 -14.00
N GLU B 114 14.47 -2.87 -13.34
CA GLU B 114 13.82 -4.15 -13.63
C GLU B 114 12.76 -4.51 -12.61
N ALA B 115 12.60 -3.71 -11.56
CA ALA B 115 11.56 -3.89 -10.56
C ALA B 115 11.25 -2.51 -10.00
N ILE B 116 9.98 -2.27 -9.68
CA ILE B 116 9.59 -1.10 -8.91
C ILE B 116 9.24 -1.57 -7.49
N ASN B 117 9.96 -1.02 -6.50
CA ASN B 117 9.77 -1.48 -5.13
C ASN B 117 9.23 -0.41 -4.20
N TYR B 118 9.12 0.83 -4.67
CA TYR B 118 8.83 1.97 -3.83
C TYR B 118 7.77 2.83 -4.49
N MET B 119 6.79 3.26 -3.69
CA MET B 119 5.82 4.25 -4.10
C MET B 119 5.50 5.19 -2.97
N ALA B 120 5.29 6.45 -3.32
CA ALA B 120 4.90 7.46 -2.35
C ALA B 120 3.99 8.47 -3.01
N ALA B 121 2.98 8.90 -2.28
CA ALA B 121 2.05 9.93 -2.67
C ALA B 121 2.23 11.16 -1.80
N ASP B 122 1.97 12.33 -2.39
CA ASP B 122 2.10 13.59 -1.70
C ASP B 122 1.11 14.56 -2.35
N GLY B 123 0.75 15.59 -1.61
CA GLY B 123 -0.08 16.64 -2.15
C GLY B 123 -1.56 16.33 -2.06
N ASP B 124 -2.34 16.89 -2.98
CA ASP B 124 -3.79 16.93 -2.84
C ASP B 124 -4.48 15.70 -3.44
N PHE B 125 -4.00 14.50 -3.02
CA PHE B 125 -4.47 13.21 -3.52
C PHE B 125 -4.52 12.20 -2.37
N LYS B 126 -5.71 11.79 -1.98
CA LYS B 126 -5.90 10.83 -0.88
C LYS B 126 -6.12 9.45 -1.49
N ILE B 127 -5.17 8.55 -1.28
CA ILE B 127 -5.25 7.21 -1.86
C ILE B 127 -6.31 6.40 -1.13
N LYS B 128 -7.20 5.76 -1.90
CA LYS B 128 -8.25 4.90 -1.37
C LYS B 128 -8.01 3.41 -1.64
N VAL B 130 -5.01 0.61 -3.65
N VAL B 130 -5.04 0.57 -3.69
CA VAL B 130 -3.86 0.20 -4.43
CA VAL B 130 -3.86 0.25 -4.48
C VAL B 130 -4.00 -1.26 -4.78
C VAL B 130 -3.85 -1.25 -4.77
N ALA B 131 -3.80 -1.58 -6.06
CA ALA B 131 -3.89 -2.96 -6.54
C ALA B 131 -2.70 -3.31 -7.41
N PHE B 132 -2.38 -4.60 -7.45
CA PHE B 132 -1.17 -5.10 -8.08
C PHE B 132 -1.46 -6.11 -9.18
N ASP B 133 -2.57 -5.95 -9.89
CA ASP B 133 -2.87 -6.81 -11.03
C ASP B 133 -4.24 -6.48 -11.62
#